data_2Y7L
#
_entry.id   2Y7L
#
_cell.length_a   35.581
_cell.length_b   69.273
_cell.length_c   122.223
_cell.angle_alpha   90.00
_cell.angle_beta   90.00
_cell.angle_gamma   90.00
#
_symmetry.space_group_name_H-M   'P 21 21 21'
#
loop_
_entity.id
_entity.type
_entity.pdbx_description
1 polymer 'AGGLUTININ-LIKE ALS9 PROTEIN'
2 polymer 'FIBRINOGEN GAMMA CHAIN, ISOFORM CRA_A'
3 water water
#
loop_
_entity_poly.entity_id
_entity_poly.type
_entity_poly.pdbx_seq_one_letter_code
_entity_poly.pdbx_strand_id
1 'polypeptide(L)'
;RKTITGVFNSFDSLTWTRSVEYVYKGPETPTWNAVLGWSLNSTTADPGDTFTLILPCVFKFITTQTSVDLTADGVSYATC
DFNAGEEFTTFSSLSCTVNSVSVSYARVSGTVKLPITFNVGGTGSSVDLADSKCFTAGKNTVTFMDGDTKISTTVDFDAS
PVSPSGYITSSRIIPSLNKLSSLFVVPQCENGYTSGIMGFVASNGATIDCSNVNIGISKGLNDWNFPVSSESFSYTKTCT
STSITVEFQNVPAGYRPFVDAYISAENIDKYTLTYANEYTCENGNTVVDPFTLTWWGYKNSEADSDGDVIVV
;
A
2 'polypeptide(L)' GEGQQHHLGGAKQAGDV B
#
# COMPACT_ATOMS: atom_id res chain seq x y z
N ARG A 1 -13.15 12.50 27.69
CA ARG A 1 -14.30 11.59 27.96
C ARG A 1 -15.14 11.32 26.72
N LYS A 2 -15.24 12.26 25.76
CA LYS A 2 -16.18 12.06 24.65
C LYS A 2 -15.48 12.02 23.28
N THR A 3 -16.20 11.50 22.28
CA THR A 3 -15.77 11.45 20.87
CA THR A 3 -15.73 11.50 20.89
C THR A 3 -16.34 12.65 20.16
N ILE A 4 -15.48 13.41 19.50
CA ILE A 4 -15.99 14.50 18.70
C ILE A 4 -15.78 14.17 17.24
N THR A 5 -16.54 14.77 16.38
CA THR A 5 -16.40 14.44 14.94
C THR A 5 -16.34 15.73 14.19
N GLY A 6 -15.94 15.62 12.94
CA GLY A 6 -15.83 16.80 12.10
C GLY A 6 -14.66 17.73 12.38
N VAL A 7 -13.63 17.24 13.08
CA VAL A 7 -12.41 18.02 13.28
C VAL A 7 -11.64 18.24 11.95
N PHE A 8 -11.53 17.13 11.19
CA PHE A 8 -11.02 17.25 9.80
C PHE A 8 -12.13 17.65 8.90
N ASN A 9 -12.02 18.89 8.40
CA ASN A 9 -13.16 19.54 7.72
C ASN A 9 -12.98 19.91 6.26
N SER A 10 -11.80 19.56 5.71
CA SER A 10 -11.61 19.81 4.27
C SER A 10 -10.48 18.93 3.77
N PHE A 11 -10.50 18.59 2.50
CA PHE A 11 -9.40 17.89 1.84
C PHE A 11 -8.90 18.83 0.81
N ASP A 12 -7.80 19.51 1.11
CA ASP A 12 -7.29 20.68 0.35
C ASP A 12 -6.55 20.35 -0.90
N SER A 13 -5.69 19.31 -0.83
CA SER A 13 -4.87 18.94 -2.02
C SER A 13 -4.29 17.59 -1.86
N LEU A 14 -3.96 16.91 -2.95
CA LEU A 14 -3.33 15.57 -2.98
C LEU A 14 -2.32 15.60 -4.11
N THR A 15 -1.04 15.52 -3.75
CA THR A 15 0.05 15.82 -4.66
C THR A 15 1.11 14.71 -4.51
N TRP A 16 1.60 14.23 -5.63
CA TRP A 16 2.62 13.22 -5.61
C TRP A 16 3.99 13.80 -5.79
N THR A 17 4.94 13.35 -5.01
CA THR A 17 6.38 13.68 -5.19
C THR A 17 7.17 12.39 -5.11
N ARG A 18 8.07 12.20 -6.06
CA ARG A 18 8.82 10.95 -6.08
C ARG A 18 9.72 10.75 -4.85
N SER A 19 9.54 9.56 -4.22
CA SER A 19 10.40 9.19 -3.11
C SER A 19 11.07 7.83 -3.31
N VAL A 20 10.96 7.27 -4.53
CA VAL A 20 11.62 5.99 -4.77
C VAL A 20 12.13 6.07 -6.23
N GLU A 21 13.23 5.41 -6.54
CA GLU A 21 13.72 5.30 -7.91
C GLU A 21 12.92 4.20 -8.66
N TYR A 22 12.90 4.27 -10.00
CA TYR A 22 12.50 3.17 -10.89
C TYR A 22 11.00 3.04 -11.09
N VAL A 23 10.24 3.14 -10.02
CA VAL A 23 8.85 2.83 -10.12
C VAL A 23 8.08 3.93 -10.85
N TYR A 24 7.17 3.53 -11.73
CA TYR A 24 6.31 4.49 -12.42
C TYR A 24 5.48 5.28 -11.39
N LYS A 25 4.97 6.43 -11.80
CA LYS A 25 4.06 7.24 -10.93
C LYS A 25 2.72 6.58 -10.95
N GLY A 26 2.18 6.34 -9.78
CA GLY A 26 0.86 5.70 -9.65
C GLY A 26 0.45 5.76 -8.15
N PRO A 27 -0.76 5.29 -7.88
CA PRO A 27 -1.30 5.37 -6.50
C PRO A 27 -0.42 4.76 -5.40
N GLU A 28 0.23 3.62 -5.71
CA GLU A 28 1.10 3.01 -4.69
C GLU A 28 2.47 3.60 -4.52
N THR A 29 2.87 4.50 -5.48
CA THR A 29 4.23 4.92 -5.51
C THR A 29 4.53 6.01 -4.47
N PRO A 30 5.54 5.74 -3.59
CA PRO A 30 5.87 6.82 -2.62
C PRO A 30 6.25 8.09 -3.37
N THR A 31 5.73 9.27 -3.00
CA THR A 31 4.83 9.53 -1.85
C THR A 31 3.74 10.48 -2.32
N TRP A 32 2.54 10.20 -1.87
CA TRP A 32 1.40 11.16 -1.99
C TRP A 32 1.28 11.94 -0.73
N ASN A 33 1.11 13.25 -0.84
CA ASN A 33 0.88 14.11 0.34
C ASN A 33 -0.53 14.65 0.27
N ALA A 34 -1.30 14.28 1.30
CA ALA A 34 -2.70 14.78 1.46
C ALA A 34 -2.65 15.91 2.43
N VAL A 35 -3.13 17.10 2.05
CA VAL A 35 -3.23 18.24 2.94
C VAL A 35 -4.67 18.43 3.31
N LEU A 36 -4.96 18.34 4.65
CA LEU A 36 -6.32 18.41 5.17
C LEU A 36 -6.48 19.57 6.07
N GLY A 37 -7.66 20.20 6.05
CA GLY A 37 -8.00 21.30 7.04
C GLY A 37 -8.49 20.67 8.30
N TRP A 38 -8.11 21.27 9.45
CA TRP A 38 -8.58 20.80 10.77
C TRP A 38 -8.96 22.01 11.64
N SER A 39 -9.92 21.80 12.57
CA SER A 39 -10.30 22.93 13.49
C SER A 39 -10.71 22.28 14.80
N LEU A 40 -10.31 22.96 15.89
CA LEU A 40 -10.80 22.63 17.23
C LEU A 40 -11.39 23.89 17.89
N ASN A 41 -12.54 23.74 18.53
CA ASN A 41 -13.18 24.90 19.25
C ASN A 41 -13.27 24.52 20.72
N SER A 42 -12.75 25.33 21.65
CA SER A 42 -12.76 24.87 23.05
C SER A 42 -14.16 24.84 23.66
N THR A 43 -15.11 25.48 22.98
CA THR A 43 -16.51 25.42 23.38
C THR A 43 -17.09 24.02 23.10
N THR A 44 -16.47 23.22 22.23
CA THR A 44 -17.06 21.95 21.84
C THR A 44 -16.09 20.78 21.94
N ALA A 45 -14.84 21.04 22.36
CA ALA A 45 -13.82 20.02 22.55
C ALA A 45 -13.03 20.31 23.82
N ASP A 46 -12.86 19.30 24.67
CA ASP A 46 -12.04 19.35 25.90
C ASP A 46 -10.81 18.49 25.79
N PRO A 47 -9.71 18.82 26.48
CA PRO A 47 -8.57 17.96 26.59
C PRO A 47 -8.95 16.56 27.02
N GLY A 48 -8.42 15.56 26.29
CA GLY A 48 -8.80 14.16 26.48
C GLY A 48 -9.89 13.63 25.55
N ASP A 49 -10.63 14.51 24.90
CA ASP A 49 -11.64 14.11 23.93
C ASP A 49 -10.86 13.42 22.75
N THR A 50 -11.49 12.42 22.15
CA THR A 50 -10.85 11.70 21.02
C THR A 50 -11.67 11.91 19.73
N PHE A 51 -10.97 11.74 18.58
CA PHE A 51 -11.57 11.85 17.24
C PHE A 51 -10.70 11.00 16.33
N THR A 52 -11.28 10.56 15.25
CA THR A 52 -10.64 9.57 14.35
C THR A 52 -10.90 9.97 12.91
N LEU A 53 -9.86 9.74 12.09
CA LEU A 53 -10.02 9.99 10.68
C LEU A 53 -9.81 8.64 9.97
N ILE A 54 -10.71 8.25 9.08
CA ILE A 54 -10.57 7.05 8.34
C ILE A 54 -10.12 7.40 6.94
N LEU A 55 -9.15 6.62 6.44
CA LEU A 55 -8.55 6.84 5.11
C LEU A 55 -8.77 5.58 4.28
N PRO A 56 -9.93 5.47 3.59
CA PRO A 56 -10.19 4.27 2.77
C PRO A 56 -9.13 4.08 1.70
N CYS A 57 -8.75 2.80 1.46
CA CYS A 57 -7.87 2.46 0.34
C CYS A 57 -6.46 3.00 0.47
N VAL A 58 -6.09 3.40 1.72
CA VAL A 58 -4.74 3.85 2.02
C VAL A 58 -3.93 2.68 2.70
N PHE A 59 -2.83 2.28 2.08
CA PHE A 59 -2.04 1.18 2.65
C PHE A 59 -1.26 1.56 3.87
N LYS A 60 -0.57 2.70 3.82
CA LYS A 60 0.33 3.07 4.91
C LYS A 60 0.71 4.51 4.83
N PHE A 61 1.33 5.02 5.88
CA PHE A 61 1.93 6.36 5.97
C PHE A 61 3.35 6.24 5.69
N ILE A 62 3.91 7.12 4.82
CA ILE A 62 5.31 7.07 4.41
C ILE A 62 6.13 7.95 5.37
N THR A 63 6.15 7.47 6.62
CA THR A 63 6.88 8.15 7.72
C THR A 63 7.21 7.11 8.77
N THR A 64 8.34 7.32 9.47
CA THR A 64 8.65 6.52 10.66
C THR A 64 8.06 7.13 11.93
N GLN A 65 7.35 8.25 11.85
CA GLN A 65 6.74 8.81 13.05
C GLN A 65 5.66 7.95 13.58
N THR A 66 5.53 7.85 14.90
CA THR A 66 4.41 7.11 15.46
C THR A 66 3.15 7.99 15.48
N SER A 67 3.34 9.30 15.52
CA SER A 67 2.20 10.23 15.63
C SER A 67 2.57 11.51 14.98
N VAL A 68 1.54 12.34 14.74
CA VAL A 68 1.72 13.74 14.31
C VAL A 68 0.85 14.65 15.20
N ASP A 69 1.36 15.83 15.55
CA ASP A 69 0.54 16.75 16.30
C ASP A 69 -0.10 17.73 15.40
N LEU A 70 -1.31 18.14 15.78
CA LEU A 70 -1.99 19.27 15.14
C LEU A 70 -1.51 20.57 15.84
N THR A 71 -0.66 21.34 15.17
CA THR A 71 0.00 22.42 15.85
C THR A 71 -0.30 23.76 15.18
N ALA A 72 -0.20 24.80 15.95
CA ALA A 72 -0.26 26.21 15.40
C ALA A 72 0.76 27.03 16.17
N ASP A 73 1.70 27.68 15.46
CA ASP A 73 2.78 28.49 16.04
C ASP A 73 3.49 27.74 17.19
N GLY A 74 3.77 26.45 16.97
CA GLY A 74 4.55 25.68 17.95
C GLY A 74 3.79 25.34 19.21
N VAL A 75 2.46 25.48 19.19
CA VAL A 75 1.66 24.91 20.26
C VAL A 75 0.88 23.64 19.74
N SER A 76 0.96 22.54 20.49
CA SER A 76 0.29 21.30 20.11
C SER A 76 -1.09 21.19 20.70
N TYR A 77 -2.08 21.19 19.83
CA TYR A 77 -3.49 21.15 20.23
C TYR A 77 -4.07 19.73 20.29
N ALA A 78 -3.44 18.81 19.53
CA ALA A 78 -3.95 17.47 19.51
C ALA A 78 -2.82 16.57 19.02
N THR A 79 -2.88 15.29 19.39
CA THR A 79 -1.91 14.27 18.92
C THR A 79 -2.64 13.16 18.24
N CYS A 80 -2.20 12.85 17.03
CA CYS A 80 -2.86 11.80 16.19
C CYS A 80 -1.90 10.66 15.94
N ASP A 81 -2.27 9.46 16.33
CA ASP A 81 -1.45 8.27 16.13
C ASP A 81 -1.74 7.68 14.74
N PHE A 82 -0.67 7.25 14.08
CA PHE A 82 -0.79 6.58 12.74
C PHE A 82 -1.20 5.13 12.88
N ASN A 83 -2.23 4.71 12.18
CA ASN A 83 -2.65 3.27 12.18
C ASN A 83 -2.75 2.78 10.73
N ALA A 84 -1.64 2.31 10.19
CA ALA A 84 -1.65 1.84 8.80
C ALA A 84 -2.51 0.61 8.55
N GLY A 85 -3.20 0.59 7.40
CA GLY A 85 -4.00 -0.59 7.04
C GLY A 85 -3.13 -1.80 6.75
N GLU A 86 -2.07 -1.57 5.95
CA GLU A 86 -1.17 -2.63 5.52
C GLU A 86 -1.99 -3.87 5.01
N GLU A 87 -1.64 -5.05 5.47
CA GLU A 87 -2.39 -6.27 5.10
C GLU A 87 -3.44 -6.68 6.15
N PHE A 88 -3.63 -5.79 7.13
CA PHE A 88 -4.66 -6.06 8.14
C PHE A 88 -6.01 -5.55 7.73
N THR A 89 -6.10 -4.30 7.26
CA THR A 89 -7.37 -3.69 6.86
C THR A 89 -7.18 -2.93 5.51
N THR A 90 -8.33 -2.80 4.83
CA THR A 90 -8.33 -2.10 3.56
C THR A 90 -8.08 -0.58 3.64
N PHE A 91 -8.24 -0.02 4.83
CA PHE A 91 -8.12 1.43 5.14
C PHE A 91 -7.06 1.63 6.23
N SER A 92 -6.55 2.85 6.24
CA SER A 92 -5.72 3.34 7.34
C SER A 92 -6.51 4.31 8.19
N SER A 93 -5.97 4.69 9.35
CA SER A 93 -6.67 5.70 10.16
C SER A 93 -5.67 6.56 10.99
N LEU A 94 -6.21 7.67 11.50
CA LEU A 94 -5.52 8.41 12.56
C LEU A 94 -6.37 8.31 13.80
N SER A 95 -5.81 7.95 14.96
CA SER A 95 -6.58 8.03 16.22
C SER A 95 -6.00 9.18 16.99
N CYS A 96 -6.88 10.17 17.27
CA CYS A 96 -6.38 11.46 17.74
C CYS A 96 -6.98 11.75 19.13
N THR A 97 -6.28 12.60 19.89
CA THR A 97 -6.74 13.02 21.25
C THR A 97 -6.44 14.51 21.33
N VAL A 98 -7.40 15.28 21.86
CA VAL A 98 -7.22 16.68 22.13
C VAL A 98 -6.24 16.84 23.30
N ASN A 99 -5.25 17.71 23.12
CA ASN A 99 -4.24 17.91 24.17
C ASN A 99 -4.61 18.98 25.21
N SER A 100 -4.10 18.77 26.41
CA SER A 100 -4.12 19.87 27.38
C SER A 100 -3.10 20.89 26.91
N VAL A 101 -3.39 22.15 27.20
CA VAL A 101 -2.57 23.28 26.74
C VAL A 101 -2.24 24.19 27.95
N SER A 102 -1.16 24.96 27.86
CA SER A 102 -0.72 25.65 29.08
C SER A 102 -1.45 26.98 29.28
N VAL A 103 -2.07 27.50 28.24
CA VAL A 103 -2.98 28.65 28.30
C VAL A 103 -4.26 28.39 27.52
N SER A 104 -5.36 29.03 27.91
CA SER A 104 -6.63 28.84 27.24
C SER A 104 -6.65 29.44 25.81
N TYR A 105 -7.53 28.86 25.00
CA TYR A 105 -7.79 29.33 23.64
C TYR A 105 -9.26 29.27 23.32
N ALA A 106 -9.72 30.16 22.42
CA ALA A 106 -11.14 30.04 22.00
C ALA A 106 -11.25 28.96 20.90
N ARG A 107 -10.55 29.15 19.76
CA ARG A 107 -10.62 28.09 18.71
C ARG A 107 -9.36 28.16 17.93
N VAL A 108 -9.03 27.10 17.19
CA VAL A 108 -7.81 27.03 16.38
C VAL A 108 -8.10 26.30 15.10
N SER A 109 -7.52 26.75 13.99
CA SER A 109 -7.77 26.06 12.71
C SER A 109 -6.48 26.06 11.98
N GLY A 110 -6.26 25.01 11.19
CA GLY A 110 -5.04 24.93 10.36
C GLY A 110 -5.13 23.80 9.39
N THR A 111 -3.94 23.38 8.93
CA THR A 111 -3.85 22.28 7.95
C THR A 111 -2.82 21.29 8.44
N VAL A 112 -2.88 20.09 7.89
CA VAL A 112 -1.97 18.95 8.25
C VAL A 112 -1.65 18.27 6.95
N LYS A 113 -0.38 17.89 6.83
CA LYS A 113 0.11 17.25 5.61
C LYS A 113 0.54 15.82 5.96
N LEU A 114 -0.13 14.87 5.31
CA LEU A 114 0.05 13.46 5.61
C LEU A 114 0.66 12.71 4.40
N PRO A 115 1.83 12.06 4.59
CA PRO A 115 2.50 11.28 3.47
C PRO A 115 1.92 9.88 3.46
N ILE A 116 1.32 9.52 2.33
CA ILE A 116 0.58 8.23 2.28
C ILE A 116 0.93 7.56 0.94
N THR A 117 0.55 6.29 0.87
CA THR A 117 0.39 5.57 -0.47
C THR A 117 -0.90 4.82 -0.41
N PHE A 118 -1.55 4.68 -1.56
CA PHE A 118 -2.82 4.02 -1.71
C PHE A 118 -2.62 2.59 -2.04
N ASN A 119 -3.58 1.75 -1.65
CA ASN A 119 -3.57 0.32 -1.97
C ASN A 119 -4.47 0.05 -3.16
N VAL A 120 -3.87 -0.44 -4.26
CA VAL A 120 -4.64 -0.87 -5.42
C VAL A 120 -4.29 -2.28 -5.78
N GLY A 121 -3.86 -3.03 -4.75
CA GLY A 121 -3.60 -4.50 -4.93
C GLY A 121 -2.15 -4.78 -4.70
N GLY A 122 -1.73 -6.02 -4.94
CA GLY A 122 -0.31 -6.36 -4.80
C GLY A 122 -0.07 -7.78 -4.31
N THR A 123 -1.02 -8.44 -3.66
CA THR A 123 -0.95 -9.85 -3.33
C THR A 123 -2.29 -10.49 -3.54
N GLY A 124 -2.38 -11.78 -3.27
CA GLY A 124 -3.66 -12.48 -3.24
C GLY A 124 -4.43 -12.46 -1.92
N SER A 125 -4.03 -11.57 -0.98
CA SER A 125 -4.67 -11.52 0.34
C SER A 125 -6.07 -10.94 0.17
N SER A 126 -6.98 -11.17 1.14
CA SER A 126 -8.32 -10.61 1.05
CA SER A 126 -8.32 -10.61 1.02
C SER A 126 -8.30 -9.07 0.97
N VAL A 127 -7.40 -8.47 1.73
CA VAL A 127 -7.28 -7.01 1.74
C VAL A 127 -6.88 -6.44 0.35
N ASP A 128 -5.86 -7.09 -0.29
CA ASP A 128 -5.39 -6.57 -1.52
C ASP A 128 -6.37 -6.83 -2.61
N LEU A 129 -7.04 -8.00 -2.59
CA LEU A 129 -8.01 -8.26 -3.68
C LEU A 129 -9.19 -7.30 -3.56
N ALA A 130 -9.57 -6.96 -2.33
CA ALA A 130 -10.64 -5.96 -2.16
C ALA A 130 -10.17 -4.58 -2.71
N ASP A 131 -8.96 -4.18 -2.30
CA ASP A 131 -8.47 -2.88 -2.69
C ASP A 131 -8.03 -2.76 -4.16
N SER A 132 -7.91 -3.94 -4.82
CA SER A 132 -7.63 -3.89 -6.25
C SER A 132 -8.73 -3.23 -7.07
N LYS A 133 -9.90 -3.03 -6.46
CA LYS A 133 -11.05 -2.36 -7.13
C LYS A 133 -11.28 -0.97 -6.58
N CYS A 134 -10.37 -0.49 -5.74
CA CYS A 134 -10.50 0.87 -5.10
C CYS A 134 -10.57 2.07 -6.10
N PHE A 135 -9.68 2.06 -7.09
CA PHE A 135 -9.53 3.17 -8.03
C PHE A 135 -9.29 2.59 -9.41
N THR A 136 -9.54 3.45 -10.40
CA THR A 136 -9.18 3.10 -11.82
C THR A 136 -8.28 4.12 -12.36
N ALA A 137 -7.59 3.83 -13.45
CA ALA A 137 -6.77 4.85 -14.03
C ALA A 137 -7.63 6.06 -14.48
N GLY A 138 -7.04 7.24 -14.36
CA GLY A 138 -7.68 8.47 -14.73
C GLY A 138 -8.15 9.27 -13.49
N LYS A 139 -9.28 9.90 -13.65
CA LYS A 139 -9.74 10.83 -12.67
C LYS A 139 -10.56 10.06 -11.62
N ASN A 140 -10.26 10.31 -10.31
CA ASN A 140 -10.93 9.62 -9.23
C ASN A 140 -11.18 10.67 -8.13
N THR A 141 -12.22 10.44 -7.37
CA THR A 141 -12.46 11.17 -6.16
C THR A 141 -11.86 10.36 -5.01
N VAL A 142 -11.11 11.06 -4.15
CA VAL A 142 -10.49 10.39 -2.95
C VAL A 142 -11.24 11.00 -1.76
N THR A 143 -11.82 10.13 -0.95
CA THR A 143 -12.69 10.59 0.16
C THR A 143 -12.16 9.99 1.46
N PHE A 144 -12.00 10.82 2.48
CA PHE A 144 -11.66 10.36 3.86
C PHE A 144 -12.89 10.67 4.73
N MET A 145 -12.99 10.03 5.88
CA MET A 145 -14.19 10.15 6.72
C MET A 145 -13.79 10.53 8.14
N ASP A 146 -14.54 11.46 8.75
CA ASP A 146 -14.35 11.81 10.18
C ASP A 146 -15.75 11.72 10.80
N GLY A 147 -15.99 10.61 11.48
CA GLY A 147 -17.32 10.30 11.94
C GLY A 147 -18.21 10.00 10.75
N ASP A 148 -19.36 10.68 10.66
CA ASP A 148 -20.22 10.58 9.50
C ASP A 148 -19.93 11.57 8.37
N THR A 149 -18.94 12.46 8.57
CA THR A 149 -18.68 13.49 7.62
C THR A 149 -17.64 12.98 6.60
N LYS A 150 -17.68 13.50 5.41
CA LYS A 150 -16.87 13.03 4.29
C LYS A 150 -16.15 14.28 3.82
N ILE A 151 -14.84 14.13 3.57
CA ILE A 151 -14.00 15.18 2.97
C ILE A 151 -13.32 14.61 1.71
N SER A 152 -13.39 15.30 0.60
CA SER A 152 -12.93 14.69 -0.65
C SER A 152 -12.18 15.69 -1.51
N THR A 153 -11.38 15.11 -2.42
CA THR A 153 -10.76 15.92 -3.48
C THR A 153 -10.60 15.04 -4.73
N THR A 154 -10.17 15.62 -5.81
CA THR A 154 -9.99 14.90 -7.09
C THR A 154 -8.53 14.65 -7.29
N VAL A 155 -8.25 13.58 -8.03
CA VAL A 155 -6.91 13.26 -8.36
C VAL A 155 -6.85 12.51 -9.76
N ASP A 156 -5.69 12.56 -10.38
CA ASP A 156 -5.43 11.82 -11.63
C ASP A 156 -4.42 10.72 -11.24
N PHE A 157 -4.91 9.48 -11.39
CA PHE A 157 -4.03 8.34 -11.10
C PHE A 157 -3.60 7.68 -12.39
N ASP A 158 -2.30 7.62 -12.64
CA ASP A 158 -1.81 7.06 -13.90
C ASP A 158 -1.79 5.54 -13.79
N ALA A 159 -2.15 4.90 -14.90
CA ALA A 159 -2.03 3.41 -15.02
C ALA A 159 -0.57 3.02 -15.05
N SER A 160 -0.31 1.73 -14.74
CA SER A 160 1.02 1.25 -14.98
C SER A 160 1.31 1.26 -16.52
N PRO A 161 2.51 1.76 -16.91
CA PRO A 161 2.97 1.68 -18.34
C PRO A 161 3.54 0.33 -18.72
N VAL A 162 3.67 -0.59 -17.73
CA VAL A 162 4.29 -1.90 -18.02
C VAL A 162 3.22 -2.73 -18.74
N SER A 163 3.63 -3.41 -19.85
CA SER A 163 2.63 -4.19 -20.60
C SER A 163 2.15 -5.39 -19.76
N PRO A 164 0.86 -5.60 -19.70
CA PRO A 164 0.32 -6.70 -18.97
C PRO A 164 0.69 -8.07 -19.63
N SER A 165 1.17 -8.11 -20.89
CA SER A 165 1.60 -9.36 -21.59
C SER A 165 2.76 -10.14 -20.96
N GLY A 166 3.80 -9.44 -20.50
CA GLY A 166 4.89 -10.04 -19.78
C GLY A 166 4.70 -10.40 -18.30
N TYR A 167 5.80 -10.71 -17.64
CA TYR A 167 5.68 -11.06 -16.27
C TYR A 167 5.50 -9.71 -15.56
N ILE A 168 4.92 -9.78 -14.36
CA ILE A 168 4.75 -8.56 -13.48
C ILE A 168 5.43 -8.91 -12.14
N THR A 169 6.16 -7.97 -11.59
CA THR A 169 6.70 -8.09 -10.25
C THR A 169 6.35 -6.84 -9.47
N SER A 170 6.26 -6.97 -8.15
CA SER A 170 6.05 -5.82 -7.27
C SER A 170 6.56 -6.20 -5.87
N SER A 171 7.21 -5.27 -5.23
CA SER A 171 7.72 -5.40 -3.87
C SER A 171 7.24 -4.24 -3.02
N ARG A 172 6.59 -4.57 -1.92
CA ARG A 172 5.98 -3.52 -1.06
C ARG A 172 6.42 -3.70 0.40
N ILE A 173 6.95 -2.60 0.96
CA ILE A 173 7.34 -2.65 2.40
C ILE A 173 6.09 -2.61 3.24
N ILE A 174 6.07 -3.50 4.25
CA ILE A 174 4.99 -3.52 5.27
C ILE A 174 5.67 -3.01 6.58
N PRO A 175 5.63 -1.68 6.85
CA PRO A 175 6.56 -1.15 7.87
C PRO A 175 6.41 -1.75 9.27
N SER A 176 5.21 -2.03 9.71
CA SER A 176 5.03 -2.45 11.11
C SER A 176 5.57 -3.85 11.32
N LEU A 177 5.82 -4.59 10.24
CA LEU A 177 6.29 -5.97 10.35
C LEU A 177 7.76 -6.10 10.02
N ASN A 178 8.40 -5.00 9.59
CA ASN A 178 9.77 -5.09 9.04
C ASN A 178 9.90 -6.17 8.00
N LYS A 179 8.90 -6.28 7.12
CA LYS A 179 8.93 -7.29 6.06
C LYS A 179 8.44 -6.63 4.78
N LEU A 180 8.61 -7.32 3.66
CA LEU A 180 8.02 -6.86 2.38
C LEU A 180 7.14 -7.95 1.93
N SER A 181 6.21 -7.56 1.06
CA SER A 181 5.52 -8.55 0.22
C SER A 181 6.10 -8.48 -1.15
N SER A 182 6.31 -9.65 -1.77
CA SER A 182 6.88 -9.69 -3.09
C SER A 182 6.04 -10.57 -3.98
N LEU A 183 5.67 -10.05 -5.16
CA LEU A 183 4.70 -10.68 -6.11
C LEU A 183 5.38 -11.02 -7.40
N PHE A 184 4.98 -12.15 -7.95
CA PHE A 184 5.33 -12.52 -9.32
C PHE A 184 4.11 -13.01 -10.02
N VAL A 185 3.80 -12.44 -11.19
CA VAL A 185 2.70 -12.88 -12.06
C VAL A 185 3.32 -13.44 -13.35
N VAL A 186 2.85 -14.63 -13.72
CA VAL A 186 3.39 -15.30 -14.90
C VAL A 186 3.00 -14.49 -16.17
N PRO A 187 3.89 -14.52 -17.20
CA PRO A 187 3.50 -13.90 -18.48
C PRO A 187 2.21 -14.46 -19.04
N GLN A 188 1.55 -13.67 -19.84
CA GLN A 188 0.24 -14.06 -20.42
C GLN A 188 0.36 -15.21 -21.43
N CYS A 189 -0.52 -16.18 -21.28
CA CYS A 189 -0.84 -17.18 -22.34
C CYS A 189 -2.33 -16.99 -22.67
N GLU A 190 -2.64 -16.44 -23.86
CA GLU A 190 -4.02 -15.91 -24.10
C GLU A 190 -5.13 -16.97 -24.03
N ASN A 191 -4.78 -18.11 -24.55
CA ASN A 191 -5.72 -19.21 -24.54
C ASN A 191 -5.35 -20.24 -23.50
N GLY A 192 -4.72 -19.75 -22.41
CA GLY A 192 -4.50 -20.65 -21.25
C GLY A 192 -3.23 -21.38 -21.24
N TYR A 193 -2.98 -22.06 -20.10
CA TYR A 193 -1.66 -22.64 -19.84
C TYR A 193 -1.78 -24.16 -19.74
N THR A 194 -0.73 -24.87 -20.14
CA THR A 194 -0.66 -26.31 -19.89
C THR A 194 0.00 -26.58 -18.57
N SER A 195 1.07 -25.81 -18.25
CA SER A 195 1.81 -26.03 -17.06
C SER A 195 2.73 -24.81 -16.89
N GLY A 196 3.43 -24.78 -15.76
CA GLY A 196 4.47 -23.77 -15.52
C GLY A 196 5.10 -23.92 -14.15
N ILE A 197 6.15 -23.13 -13.91
CA ILE A 197 6.82 -23.08 -12.65
C ILE A 197 7.10 -21.63 -12.34
N MET A 198 6.55 -21.12 -11.25
CA MET A 198 6.67 -19.73 -10.87
C MET A 198 7.23 -19.68 -9.49
N GLY A 199 7.97 -18.56 -9.19
CA GLY A 199 8.54 -18.37 -7.87
C GLY A 199 9.81 -17.54 -7.93
N PHE A 200 10.50 -17.48 -6.80
CA PHE A 200 11.76 -16.77 -6.72
C PHE A 200 12.62 -17.31 -5.66
N VAL A 201 13.93 -17.12 -5.76
CA VAL A 201 14.94 -17.51 -4.83
C VAL A 201 15.56 -16.23 -4.31
N ALA A 202 15.65 -16.15 -2.98
CA ALA A 202 16.24 -14.98 -2.34
C ALA A 202 17.71 -15.15 -2.17
N SER A 203 18.45 -14.09 -2.53
CA SER A 203 19.91 -14.05 -2.30
C SER A 203 20.23 -13.80 -0.82
N ASN A 204 21.44 -14.17 -0.36
CA ASN A 204 21.86 -13.86 1.03
C ASN A 204 21.53 -12.43 1.45
N GLY A 205 21.06 -12.28 2.68
CA GLY A 205 20.49 -10.99 3.11
C GLY A 205 19.00 -10.94 3.19
N ALA A 206 18.30 -11.95 2.63
CA ALA A 206 16.84 -11.96 2.68
C ALA A 206 16.37 -13.39 2.75
N THR A 207 15.22 -13.59 3.34
CA THR A 207 14.62 -14.91 3.46
C THR A 207 13.11 -14.83 3.21
N ILE A 208 12.57 -15.97 2.82
CA ILE A 208 11.18 -16.03 2.50
C ILE A 208 10.43 -16.49 3.68
N ASP A 209 9.29 -15.85 3.98
CA ASP A 209 8.47 -16.22 5.11
C ASP A 209 7.37 -17.14 4.59
N CYS A 210 7.57 -18.42 4.80
CA CYS A 210 6.66 -19.43 4.22
C CYS A 210 5.29 -19.48 4.92
N SER A 211 5.15 -18.75 6.03
CA SER A 211 3.87 -18.70 6.70
CA SER A 211 3.86 -18.68 6.71
C SER A 211 2.92 -17.64 6.10
N ASN A 212 3.41 -16.80 5.15
CA ASN A 212 2.58 -15.72 4.56
C ASN A 212 2.75 -15.79 3.04
N VAL A 213 2.10 -16.74 2.36
CA VAL A 213 2.26 -16.97 0.92
CA VAL A 213 2.26 -17.06 0.93
C VAL A 213 0.85 -17.01 0.36
N ASN A 214 0.68 -16.47 -0.84
CA ASN A 214 -0.59 -16.62 -1.54
C ASN A 214 -0.31 -17.16 -2.93
N ILE A 215 -1.06 -18.17 -3.36
CA ILE A 215 -0.97 -18.72 -4.70
C ILE A 215 -2.38 -18.77 -5.27
N GLY A 216 -2.55 -18.28 -6.52
CA GLY A 216 -3.85 -18.27 -7.10
C GLY A 216 -3.80 -18.04 -8.59
N ILE A 217 -4.94 -18.13 -9.20
CA ILE A 217 -5.18 -17.60 -10.57
C ILE A 217 -6.18 -16.49 -10.51
N SER A 218 -5.83 -15.36 -11.18
CA SER A 218 -6.69 -14.21 -11.21
C SER A 218 -7.38 -14.11 -12.58
N LYS A 219 -8.60 -13.64 -12.53
CA LYS A 219 -9.39 -13.35 -13.74
C LYS A 219 -8.98 -12.02 -14.29
N GLY A 220 -7.93 -12.02 -15.06
CA GLY A 220 -7.33 -10.74 -15.54
C GLY A 220 -6.53 -10.02 -14.46
N LEU A 221 -6.10 -8.82 -14.77
CA LEU A 221 -5.37 -7.92 -13.83
C LEU A 221 -5.97 -6.57 -13.92
N ASN A 222 -5.73 -5.76 -12.89
CA ASN A 222 -6.27 -4.39 -12.91
C ASN A 222 -5.36 -3.38 -13.63
N ASP A 223 -5.67 -2.07 -13.51
CA ASP A 223 -4.90 -1.03 -14.20
C ASP A 223 -3.42 -0.90 -13.82
N TRP A 224 -3.08 -1.59 -12.71
CA TRP A 224 -1.70 -1.60 -12.22
C TRP A 224 -1.14 -3.03 -12.28
N ASN A 225 -1.78 -3.89 -13.09
CA ASN A 225 -1.28 -5.27 -13.37
C ASN A 225 -1.31 -6.12 -12.11
N PHE A 226 -2.23 -5.82 -11.18
CA PHE A 226 -2.34 -6.64 -9.96
C PHE A 226 -3.51 -7.59 -10.04
N PRO A 227 -3.41 -8.72 -9.36
CA PRO A 227 -4.55 -9.66 -9.26
C PRO A 227 -5.80 -9.02 -8.73
N VAL A 228 -6.91 -9.40 -9.32
CA VAL A 228 -8.24 -8.98 -8.84
C VAL A 228 -9.09 -10.12 -8.27
N SER A 229 -8.61 -11.35 -8.50
CA SER A 229 -9.23 -12.51 -7.85
C SER A 229 -8.18 -13.55 -7.56
N SER A 230 -8.54 -14.61 -6.80
CA SER A 230 -7.57 -15.68 -6.47
C SER A 230 -8.34 -16.97 -6.40
N GLU A 231 -8.40 -17.67 -7.52
CA GLU A 231 -9.16 -18.90 -7.60
C GLU A 231 -8.18 -20.08 -7.42
N SER A 232 -8.75 -21.25 -7.11
CA SER A 232 -7.88 -22.42 -6.98
C SER A 232 -7.61 -23.10 -8.35
N PHE A 233 -6.55 -23.90 -8.36
CA PHE A 233 -6.05 -24.62 -9.55
C PHE A 233 -5.08 -25.68 -9.03
N SER A 234 -4.57 -26.58 -9.91
CA SER A 234 -3.73 -27.71 -9.45
C SER A 234 -2.30 -27.27 -9.50
N TYR A 235 -1.70 -27.31 -8.33
CA TYR A 235 -0.31 -27.01 -8.17
C TYR A 235 0.32 -27.70 -7.00
N THR A 236 1.67 -27.75 -7.00
CA THR A 236 2.47 -28.14 -5.83
C THR A 236 3.36 -26.93 -5.42
N LYS A 237 3.31 -26.57 -4.13
CA LYS A 237 4.14 -25.51 -3.49
C LYS A 237 5.36 -26.17 -2.82
N THR A 238 6.56 -25.64 -3.05
CA THR A 238 7.74 -26.01 -2.33
C THR A 238 8.29 -24.70 -1.71
N CYS A 239 8.24 -24.55 -0.41
CA CYS A 239 8.68 -23.27 0.20
C CYS A 239 9.71 -23.55 1.25
N THR A 240 10.84 -22.87 1.13
CA THR A 240 11.93 -22.93 2.02
C THR A 240 12.26 -21.47 2.39
N SER A 241 13.14 -21.26 3.33
CA SER A 241 13.45 -19.94 3.72
C SER A 241 14.31 -19.24 2.61
N THR A 242 14.80 -19.97 1.63
CA THR A 242 15.62 -19.40 0.60
C THR A 242 14.93 -19.26 -0.72
N SER A 243 13.98 -20.16 -0.94
CA SER A 243 13.20 -20.22 -2.18
C SER A 243 11.69 -20.63 -2.08
N ILE A 244 10.85 -20.03 -2.90
CA ILE A 244 9.49 -20.53 -3.10
C ILE A 244 9.35 -20.96 -4.58
N THR A 245 8.82 -22.17 -4.83
CA THR A 245 8.63 -22.65 -6.18
C THR A 245 7.23 -23.22 -6.24
N VAL A 246 6.46 -22.89 -7.25
CA VAL A 246 5.10 -23.43 -7.47
C VAL A 246 5.05 -24.01 -8.86
N GLU A 247 4.83 -25.33 -8.94
CA GLU A 247 4.67 -26.02 -10.28
C GLU A 247 3.18 -26.21 -10.42
N PHE A 248 2.66 -25.82 -11.58
CA PHE A 248 1.22 -25.89 -11.79
C PHE A 248 0.89 -26.57 -13.13
N GLN A 249 -0.37 -27.04 -13.19
CA GLN A 249 -0.92 -27.70 -14.42
C GLN A 249 -1.80 -26.72 -15.17
N ASN A 250 -2.95 -27.14 -15.69
CA ASN A 250 -3.74 -26.32 -16.55
C ASN A 250 -4.33 -25.12 -15.86
N VAL A 251 -4.31 -24.01 -16.61
CA VAL A 251 -5.00 -22.78 -16.18
C VAL A 251 -5.84 -22.31 -17.38
N PRO A 252 -7.11 -21.93 -17.16
CA PRO A 252 -7.99 -21.54 -18.34
C PRO A 252 -7.62 -20.22 -18.96
N ALA A 253 -8.17 -20.01 -20.12
CA ALA A 253 -7.95 -18.77 -20.85
C ALA A 253 -8.58 -17.68 -20.03
N GLY A 254 -7.87 -16.54 -20.01
CA GLY A 254 -8.38 -15.37 -19.24
C GLY A 254 -7.91 -15.30 -17.82
N TYR A 255 -7.22 -16.34 -17.37
CA TYR A 255 -6.66 -16.35 -15.99
C TYR A 255 -5.19 -16.21 -16.00
N ARG A 256 -4.65 -15.65 -14.91
CA ARG A 256 -3.21 -15.38 -14.78
C ARG A 256 -2.69 -15.97 -13.44
N PRO A 257 -1.85 -16.99 -13.47
CA PRO A 257 -1.25 -17.55 -12.24
C PRO A 257 -0.31 -16.56 -11.57
N PHE A 258 -0.31 -16.57 -10.24
CA PHE A 258 0.66 -15.70 -9.58
C PHE A 258 1.00 -16.30 -8.23
N VAL A 259 2.11 -15.77 -7.67
CA VAL A 259 2.59 -16.14 -6.33
C VAL A 259 3.13 -14.94 -5.64
N ASP A 260 2.78 -14.85 -4.37
CA ASP A 260 3.40 -13.83 -3.57
C ASP A 260 3.84 -14.37 -2.17
N ALA A 261 4.86 -13.75 -1.59
CA ALA A 261 5.32 -14.19 -0.32
C ALA A 261 5.79 -12.96 0.50
N TYR A 262 5.78 -13.04 1.81
CA TYR A 262 6.53 -12.08 2.64
C TYR A 262 8.03 -12.38 2.62
N ILE A 263 8.79 -11.32 2.72
CA ILE A 263 10.24 -11.40 2.67
C ILE A 263 10.75 -10.67 3.92
N SER A 264 11.70 -11.28 4.64
CA SER A 264 12.40 -10.60 5.69
C SER A 264 13.82 -10.39 5.22
N ALA A 265 14.22 -9.15 5.26
CA ALA A 265 15.54 -8.75 4.77
C ALA A 265 16.34 -8.16 5.89
N GLU A 266 17.63 -8.46 5.93
CA GLU A 266 18.47 -7.82 6.99
C GLU A 266 18.52 -6.28 6.81
N ASN A 267 18.65 -5.85 5.55
CA ASN A 267 18.54 -4.50 5.11
C ASN A 267 17.24 -4.36 4.26
N ILE A 268 16.22 -3.76 4.84
CA ILE A 268 14.86 -3.77 4.21
C ILE A 268 14.99 -2.97 2.93
N ASP A 269 15.97 -2.07 2.82
CA ASP A 269 16.06 -1.27 1.62
C ASP A 269 16.88 -1.90 0.48
N LYS A 270 17.27 -3.19 0.63
CA LYS A 270 18.03 -3.85 -0.49
C LYS A 270 17.93 -5.34 -0.37
N TYR A 271 17.31 -5.99 -1.34
CA TYR A 271 17.39 -7.47 -1.42
C TYR A 271 17.29 -7.89 -2.84
N THR A 272 17.74 -9.13 -3.15
CA THR A 272 17.70 -9.59 -4.52
C THR A 272 16.93 -10.90 -4.65
N LEU A 273 16.17 -10.96 -5.77
CA LEU A 273 15.43 -12.17 -6.08
C LEU A 273 15.75 -12.65 -7.47
N THR A 274 15.90 -13.97 -7.58
CA THR A 274 16.05 -14.60 -8.93
C THR A 274 14.80 -15.43 -9.19
N TYR A 275 14.11 -15.06 -10.23
CA TYR A 275 12.82 -15.64 -10.53
C TYR A 275 12.91 -16.79 -11.48
N ALA A 276 12.17 -17.84 -11.14
CA ALA A 276 12.29 -19.04 -12.05
C ALA A 276 11.82 -18.87 -13.56
N ASN A 277 10.58 -18.51 -13.62
CA ASN A 277 9.80 -18.11 -14.77
C ASN A 277 9.78 -19.11 -15.94
N GLU A 278 9.07 -20.18 -15.73
CA GLU A 278 8.77 -21.21 -16.76
C GLU A 278 7.31 -21.32 -17.00
N TYR A 279 6.92 -21.40 -18.23
CA TYR A 279 5.52 -21.54 -18.56
C TYR A 279 5.35 -22.20 -19.91
N THR A 280 4.25 -22.92 -20.05
CA THR A 280 3.88 -23.55 -21.30
C THR A 280 2.48 -23.20 -21.63
N CYS A 281 2.32 -22.39 -22.67
CA CYS A 281 1.01 -22.09 -23.12
C CYS A 281 0.36 -23.28 -23.83
N GLU A 282 -0.95 -23.36 -23.80
CA GLU A 282 -1.70 -24.29 -24.64
C GLU A 282 -1.39 -23.97 -26.10
N ASN A 283 -1.13 -25.02 -26.89
CA ASN A 283 -0.64 -24.89 -28.29
C ASN A 283 0.69 -24.15 -28.49
N GLY A 284 1.56 -24.25 -27.48
CA GLY A 284 2.84 -23.57 -27.46
C GLY A 284 3.93 -24.50 -26.97
N ASN A 285 5.15 -24.03 -27.04
CA ASN A 285 6.31 -24.69 -26.50
C ASN A 285 6.65 -24.04 -25.20
N THR A 286 7.32 -24.79 -24.36
CA THR A 286 7.80 -24.31 -23.03
C THR A 286 8.78 -23.16 -23.16
N VAL A 287 8.49 -22.11 -22.37
CA VAL A 287 9.41 -20.99 -22.29
C VAL A 287 10.11 -21.06 -20.95
N VAL A 288 11.41 -20.92 -20.95
CA VAL A 288 12.20 -20.81 -19.70
C VAL A 288 12.93 -19.51 -19.74
N ASP A 289 12.62 -18.59 -18.83
CA ASP A 289 13.11 -17.22 -18.98
C ASP A 289 13.42 -16.59 -17.60
N PRO A 290 14.36 -17.13 -16.86
CA PRO A 290 14.68 -16.60 -15.54
C PRO A 290 15.23 -15.18 -15.65
N PHE A 291 15.08 -14.39 -14.57
CA PHE A 291 15.69 -13.11 -14.51
C PHE A 291 15.91 -12.80 -13.04
N THR A 292 16.68 -11.73 -12.77
CA THR A 292 17.04 -11.29 -11.41
C THR A 292 16.67 -9.82 -11.29
N LEU A 293 16.18 -9.48 -10.11
CA LEU A 293 15.91 -8.07 -9.71
C LEU A 293 16.44 -7.77 -8.33
N THR A 294 17.08 -6.60 -8.19
CA THR A 294 17.51 -6.11 -6.86
C THR A 294 16.56 -4.92 -6.57
N TRP A 295 15.92 -5.02 -5.41
CA TRP A 295 14.81 -4.17 -4.99
C TRP A 295 15.28 -3.18 -3.99
N TRP A 296 15.05 -1.87 -4.24
CA TRP A 296 15.59 -0.73 -3.46
C TRP A 296 14.48 -0.01 -2.72
N GLY A 297 14.73 0.26 -1.44
CA GLY A 297 13.80 0.98 -0.61
C GLY A 297 13.56 2.42 -1.00
N TYR A 298 12.49 2.95 -0.46
CA TYR A 298 12.05 4.37 -0.72
C TYR A 298 12.50 5.21 0.45
N LYS A 299 12.42 6.52 0.30
CA LYS A 299 12.73 7.47 1.39
C LYS A 299 11.40 7.88 2.07
N ASN A 300 11.49 7.94 3.39
CA ASN A 300 10.35 8.37 4.22
C ASN A 300 10.34 9.88 4.35
N SER A 301 9.17 10.45 4.67
CA SER A 301 8.94 11.88 4.79
C SER A 301 8.35 12.11 6.19
N GLU A 302 8.14 13.36 6.57
CA GLU A 302 7.45 13.64 7.86
C GLU A 302 6.15 14.37 7.63
N ALA A 303 5.17 14.00 8.42
CA ALA A 303 3.93 14.76 8.54
C ALA A 303 4.19 15.95 9.38
N ASP A 304 3.47 17.03 9.00
CA ASP A 304 3.56 18.27 9.81
C ASP A 304 2.27 19.06 9.71
N SER A 305 2.16 20.12 10.45
CA SER A 305 0.94 20.91 10.50
C SER A 305 1.24 22.36 10.75
N ASP A 306 0.21 23.19 10.46
CA ASP A 306 0.32 24.63 10.81
C ASP A 306 -1.08 25.13 11.14
N GLY A 307 -1.22 26.33 11.69
CA GLY A 307 -2.55 26.89 11.93
C GLY A 307 -2.46 28.23 12.67
N ASP A 308 -3.67 28.69 13.01
CA ASP A 308 -3.82 30.03 13.64
C ASP A 308 -4.79 29.85 14.76
N VAL A 309 -4.43 30.42 15.91
CA VAL A 309 -5.27 30.29 17.12
C VAL A 309 -5.95 31.66 17.29
N ILE A 310 -7.19 31.58 17.71
CA ILE A 310 -7.96 32.76 18.20
C ILE A 310 -8.01 32.58 19.72
N VAL A 311 -7.54 33.58 20.46
CA VAL A 311 -7.60 33.57 21.94
C VAL A 311 -8.76 34.43 22.49
N VAL A 312 -9.64 33.77 23.27
CA VAL A 312 -10.65 34.39 24.12
C VAL A 312 -11.50 33.36 24.92
N ALA B 11 20.36 -8.74 -12.49
CA ALA B 11 20.59 -8.10 -13.79
C ALA B 11 19.80 -6.79 -13.95
N LYS B 12 18.80 -6.49 -13.12
CA LYS B 12 18.11 -5.20 -13.26
C LYS B 12 17.74 -4.65 -11.88
N GLN B 13 17.63 -3.34 -11.82
CA GLN B 13 17.30 -2.68 -10.54
C GLN B 13 15.80 -2.28 -10.52
N ALA B 14 15.16 -2.40 -9.33
CA ALA B 14 13.76 -2.06 -9.26
C ALA B 14 13.50 -1.38 -7.91
N GLY B 15 12.40 -0.67 -7.77
CA GLY B 15 12.07 0.04 -6.51
C GLY B 15 10.90 -0.53 -5.77
N ASP B 16 10.97 -0.43 -4.46
CA ASP B 16 9.86 -0.81 -3.61
C ASP B 16 8.80 0.24 -3.58
N VAL B 17 7.60 -0.24 -3.37
CA VAL B 17 6.51 0.69 -2.90
C VAL B 17 6.15 0.58 -1.37
#